data_3NSM
#
_entry.id   3NSM
#
_cell.length_a   108.110
_cell.length_b   108.110
_cell.length_c   175.510
_cell.angle_alpha   90.00
_cell.angle_beta   90.00
_cell.angle_gamma   120.00
#
_symmetry.space_group_name_H-M   'P 32 2 1'
#
loop_
_entity.id
_entity.type
_entity.pdbx_description
1 polymer N-acetylglucosaminidase
2 water water
#
_entity_poly.entity_id   1
_entity_poly.type   'polypeptide(L)'
_entity_poly.pdbx_seq_one_letter_code
;EDVVWRWSCDNGKCVKLKNDPRSSEPALSLEACKMFCNEYGLLWPRPTGEADLGNFLSKINLNSIEVKILKKGATDDLME
AAAKRFKEQVSLAIPRGSTPKLTGKAVDVYLVNENPNEKAFSLEMDESYGLRVSPSGADRVNATITANSFFGMRHGLETL
SQLFVFDDIRDHLLMVRDVNISDKPVYPYRGILLDTARNYYSIESIKRTIEAMAAVKLNTFHWHITDSQSFPFVTTKRPN
LYKFGALSPQKVYTKAAIREVVRFGLERGVRVLPEFDAPAHVGEGWQDTDLTVCFKAEPWKSYCVEPPCGQLNPTKDELY
QYLEDIYSDMAEVFDTTDIFHMGGDEVSEACWNSSDSIQNFMMQNRWDLDKESFLKLWNYFQQKAQDKAYKAFGKKLPLI
LWTSTLTNYKHIDDYLNKDDYIIQVWTTGVDPQIKGLLEKGYRLIMSNYDALYFDCGYGAWVGAGNNWCSPYIGWQKVYD
NSPAVIALEHRDQVLGGEAALWSEQSDTSTLDGRLWPRAAALAERLWAEPATSWQDAEYRMLHIRERLVRMGIQAESLQP
EWCYQNEGYCYS
;
_entity_poly.pdbx_strand_id   A
#
# COMPACT_ATOMS: atom_id res chain seq x y z
N GLU A 1 -16.25 -24.67 26.03
CA GLU A 1 -16.87 -24.19 27.30
C GLU A 1 -16.76 -22.66 27.50
N ASP A 2 -16.71 -22.23 28.75
CA ASP A 2 -16.79 -20.79 29.11
C ASP A 2 -15.43 -20.14 29.36
N VAL A 3 -15.30 -18.88 28.95
CA VAL A 3 -14.16 -18.05 29.31
C VAL A 3 -14.11 -17.89 30.83
N VAL A 4 -12.94 -18.14 31.42
CA VAL A 4 -12.78 -18.16 32.87
C VAL A 4 -12.06 -16.94 33.43
N TRP A 5 -11.52 -16.11 32.56
CA TRP A 5 -10.79 -14.92 32.98
C TRP A 5 -11.55 -13.62 32.72
N ARG A 6 -11.10 -12.55 33.38
CA ARG A 6 -11.58 -11.19 33.13
C ARG A 6 -10.35 -10.28 33.14
N TRP A 7 -10.49 -9.07 32.61
CA TRP A 7 -9.36 -8.14 32.56
C TRP A 7 -9.70 -6.80 33.23
N SER A 8 -8.70 -6.18 33.85
CA SER A 8 -8.90 -4.90 34.51
C SER A 8 -7.77 -3.94 34.20
N CYS A 9 -8.13 -2.71 33.85
CA CYS A 9 -7.13 -1.70 33.47
C CYS A 9 -6.36 -1.18 34.67
N ASP A 10 -5.05 -1.22 34.55
CA ASP A 10 -4.15 -0.78 35.60
C ASP A 10 -2.92 -0.17 34.93
N ASN A 11 -2.74 1.13 35.12
CA ASN A 11 -1.61 1.89 34.53
C ASN A 11 -1.43 1.69 33.01
N GLY A 12 -2.55 1.65 32.29
CA GLY A 12 -2.52 1.53 30.82
C GLY A 12 -2.34 0.12 30.29
N LYS A 13 -2.46 -0.87 31.18
CA LYS A 13 -2.32 -2.29 30.84
C LYS A 13 -3.53 -3.07 31.32
N CYS A 14 -4.08 -3.91 30.46
CA CYS A 14 -5.16 -4.81 30.84
C CYS A 14 -4.59 -6.05 31.53
N VAL A 15 -4.92 -6.19 32.81
CA VAL A 15 -4.37 -7.24 33.67
C VAL A 15 -5.35 -8.40 33.75
N LYS A 16 -4.85 -9.61 33.48
CA LYS A 16 -5.70 -10.80 33.52
C LYS A 16 -5.90 -11.24 34.96
N LEU A 17 -7.16 -11.39 35.34
CA LEU A 17 -7.55 -11.77 36.68
C LEU A 17 -8.61 -12.85 36.60
N LYS A 18 -8.69 -13.69 37.62
CA LYS A 18 -9.72 -14.70 37.64
C LYS A 18 -11.08 -14.03 37.76
N ASN A 19 -12.06 -14.54 37.03
CA ASN A 19 -13.43 -14.04 37.11
C ASN A 19 -14.15 -14.77 38.24
N ASP A 20 -13.85 -14.34 39.47
CA ASP A 20 -14.41 -14.95 40.68
C ASP A 20 -15.92 -14.68 40.76
N PRO A 21 -16.71 -15.73 41.05
CA PRO A 21 -18.18 -15.60 41.16
C PRO A 21 -18.66 -14.65 42.26
N ARG A 22 -17.87 -14.49 43.33
CA ARG A 22 -18.27 -13.70 44.48
C ARG A 22 -17.84 -12.25 44.35
N SER A 23 -18.40 -11.59 43.35
CA SER A 23 -18.07 -10.21 43.02
C SER A 23 -19.31 -9.44 42.55
N SER A 24 -19.39 -8.18 42.96
CA SER A 24 -20.45 -7.26 42.54
C SER A 24 -20.03 -6.39 41.34
N GLU A 25 -18.74 -6.50 40.98
CA GLU A 25 -18.18 -5.79 39.86
C GLU A 25 -18.39 -6.57 38.56
N PRO A 26 -18.96 -5.93 37.51
CA PRO A 26 -19.15 -6.61 36.24
C PRO A 26 -17.81 -6.88 35.55
N ALA A 27 -17.61 -8.12 35.12
CA ALA A 27 -16.37 -8.55 34.46
C ALA A 27 -16.21 -7.91 33.09
N LEU A 28 -15.00 -7.45 32.79
CA LEU A 28 -14.68 -6.94 31.45
C LEU A 28 -13.99 -8.02 30.62
N SER A 29 -14.43 -8.16 29.37
CA SER A 29 -13.74 -9.02 28.41
C SER A 29 -12.43 -8.34 28.01
N LEU A 30 -11.53 -9.10 27.39
CA LEU A 30 -10.21 -8.57 27.02
C LEU A 30 -10.28 -7.34 26.10
N GLU A 31 -11.04 -7.46 25.00
CA GLU A 31 -11.17 -6.36 24.03
C GLU A 31 -11.89 -5.14 24.60
N ALA A 32 -12.90 -5.39 25.44
CA ALA A 32 -13.64 -4.32 26.12
C ALA A 32 -12.75 -3.53 27.06
N CYS A 33 -11.87 -4.23 27.78
CA CYS A 33 -10.88 -3.56 28.63
C CYS A 33 -9.91 -2.75 27.77
N LYS A 34 -9.46 -3.35 26.67
CA LYS A 34 -8.50 -2.70 25.78
C LYS A 34 -9.06 -1.40 25.16
N MET A 35 -10.33 -1.42 24.79
CA MET A 35 -10.98 -0.27 24.19
C MET A 35 -10.82 1.02 25.00
N PHE A 36 -10.83 0.89 26.33
CA PHE A 36 -10.71 2.09 27.18
C PHE A 36 -9.41 2.20 27.95
N CYS A 37 -8.72 1.09 28.14
CA CYS A 37 -7.42 1.11 28.80
C CYS A 37 -6.37 1.77 27.92
N ASN A 38 -6.51 1.60 26.61
CA ASN A 38 -5.55 2.15 25.65
C ASN A 38 -5.88 3.58 25.26
N GLU A 39 -4.83 4.40 25.14
CA GLU A 39 -4.93 5.78 24.67
C GLU A 39 -5.87 5.92 23.47
N TYR A 40 -5.73 5.02 22.49
CA TYR A 40 -6.54 5.06 21.27
C TYR A 40 -7.44 3.84 21.09
N GLY A 41 -7.63 3.07 22.16
CA GLY A 41 -8.50 1.90 22.11
C GLY A 41 -8.00 0.87 21.11
N LEU A 42 -8.90 0.35 20.29
CA LEU A 42 -8.52 -0.64 19.27
C LEU A 42 -8.35 -0.04 17.86
N LEU A 43 -8.17 1.27 17.77
CA LEU A 43 -8.12 1.94 16.47
C LEU A 43 -6.77 1.80 15.80
N TRP A 44 -6.81 1.50 14.50
CA TRP A 44 -5.61 1.54 13.66
C TRP A 44 -5.95 1.92 12.22
N PRO A 45 -5.34 3.00 11.71
CA PRO A 45 -4.43 3.89 12.45
C PRO A 45 -5.20 4.75 13.44
N ARG A 46 -4.49 5.31 14.41
CA ARG A 46 -5.05 6.29 15.36
C ARG A 46 -5.36 7.58 14.60
N PRO A 47 -6.50 8.23 14.91
CA PRO A 47 -6.87 9.49 14.26
C PRO A 47 -5.87 10.62 14.50
N THR A 48 -5.95 11.65 13.66
CA THR A 48 -5.05 12.82 13.76
C THR A 48 -5.68 14.00 14.52
N GLY A 49 -7.01 14.12 14.45
CA GLY A 49 -7.71 15.20 15.15
C GLY A 49 -8.33 14.74 16.46
N GLU A 50 -9.64 14.92 16.58
CA GLU A 50 -10.37 14.47 17.75
C GLU A 50 -10.37 12.95 17.89
N ALA A 51 -10.04 12.49 19.09
CA ALA A 51 -10.01 11.06 19.39
C ALA A 51 -10.69 10.82 20.74
N ASP A 52 -11.99 11.10 20.78
CA ASP A 52 -12.79 11.01 22.00
C ASP A 52 -13.63 9.75 21.95
N LEU A 53 -13.22 8.75 22.73
CA LEU A 53 -13.92 7.47 22.76
C LEU A 53 -14.88 7.36 23.94
N GLY A 54 -14.87 8.33 24.82
CA GLY A 54 -15.80 8.28 25.91
C GLY A 54 -15.43 7.25 26.96
N ASN A 55 -16.40 6.72 27.68
CA ASN A 55 -16.11 5.75 28.69
C ASN A 55 -16.88 4.47 28.68
N PHE A 56 -17.89 4.35 27.86
CA PHE A 56 -18.82 3.28 27.97
C PHE A 56 -19.07 2.53 26.67
N LEU A 57 -19.67 1.36 26.76
CA LEU A 57 -20.05 0.56 25.60
C LEU A 57 -21.53 0.29 25.65
N SER A 58 -22.12 0.00 24.49
CA SER A 58 -23.54 -0.35 24.43
C SER A 58 -23.73 -1.63 23.66
N LYS A 59 -24.67 -2.45 24.11
CA LYS A 59 -24.97 -3.72 23.45
C LYS A 59 -25.78 -3.45 22.18
N ILE A 60 -25.36 -4.11 21.10
CA ILE A 60 -25.87 -3.84 19.76
C ILE A 60 -26.46 -5.11 19.16
N ASN A 61 -27.61 -4.96 18.49
CA ASN A 61 -28.18 -6.04 17.69
C ASN A 61 -27.55 -6.03 16.29
N LEU A 62 -26.79 -7.07 15.99
CA LEU A 62 -26.05 -7.22 14.73
C LEU A 62 -26.96 -7.13 13.49
N ASN A 63 -28.19 -7.60 13.64
CA ASN A 63 -29.18 -7.56 12.55
C ASN A 63 -29.90 -6.22 12.40
N SER A 64 -29.73 -5.33 13.37
CA SER A 64 -30.40 -4.04 13.38
C SER A 64 -29.44 -2.88 13.16
N ILE A 65 -28.53 -3.05 12.19
CA ILE A 65 -27.66 -1.98 11.74
C ILE A 65 -28.15 -1.57 10.35
N GLU A 66 -28.45 -0.30 10.20
CA GLU A 66 -28.93 0.21 8.92
C GLU A 66 -28.14 1.43 8.49
N VAL A 67 -27.67 1.41 7.25
CA VAL A 67 -26.86 2.50 6.70
C VAL A 67 -27.72 3.38 5.79
N LYS A 68 -27.68 4.68 6.02
CA LYS A 68 -28.44 5.63 5.21
C LYS A 68 -27.52 6.65 4.54
N ILE A 69 -27.62 6.73 3.22
CA ILE A 69 -26.88 7.71 2.42
C ILE A 69 -27.74 8.96 2.23
N LEU A 70 -27.27 10.09 2.77
CA LEU A 70 -28.09 11.30 2.85
C LEU A 70 -27.99 12.23 1.64
N LYS A 71 -26.80 12.33 1.06
CA LYS A 71 -26.60 13.13 -0.15
C LYS A 71 -26.26 12.21 -1.34
N LYS A 72 -27.12 12.23 -2.36
CA LYS A 72 -26.94 11.40 -3.56
C LYS A 72 -26.11 12.10 -4.63
N GLY A 73 -25.48 11.32 -5.50
CA GLY A 73 -24.62 11.86 -6.56
C GLY A 73 -24.05 10.81 -7.50
N ALA A 74 -22.92 11.14 -8.13
CA ALA A 74 -22.28 10.26 -9.11
C ALA A 74 -21.58 9.06 -8.48
N THR A 75 -21.29 9.16 -7.18
CA THR A 75 -20.64 8.08 -6.43
C THR A 75 -21.64 7.18 -5.73
N ASP A 76 -22.91 7.23 -6.17
CA ASP A 76 -23.98 6.42 -5.59
C ASP A 76 -23.64 4.93 -5.56
N ASP A 77 -23.20 4.40 -6.70
CA ASP A 77 -22.80 2.99 -6.80
C ASP A 77 -21.69 2.63 -5.81
N LEU A 78 -20.73 3.55 -5.65
CA LEU A 78 -19.61 3.34 -4.72
C LEU A 78 -20.06 3.41 -3.26
N MET A 79 -20.87 4.41 -2.94
CA MET A 79 -21.40 4.58 -1.58
C MET A 79 -22.29 3.41 -1.19
N GLU A 80 -23.14 2.98 -2.13
CA GLU A 80 -24.02 1.84 -1.91
C GLU A 80 -23.25 0.54 -1.68
N ALA A 81 -22.20 0.33 -2.46
CA ALA A 81 -21.33 -0.83 -2.28
C ALA A 81 -20.58 -0.77 -0.96
N ALA A 82 -20.08 0.43 -0.61
CA ALA A 82 -19.35 0.65 0.65
C ALA A 82 -20.24 0.41 1.86
N ALA A 83 -21.50 0.83 1.73
CA ALA A 83 -22.49 0.66 2.78
C ALA A 83 -22.86 -0.81 2.98
N LYS A 84 -23.05 -1.53 1.88
CA LYS A 84 -23.36 -2.97 1.92
C LYS A 84 -22.23 -3.76 2.56
N ARG A 85 -21.01 -3.25 2.41
CA ARG A 85 -19.80 -3.90 2.90
C ARG A 85 -19.60 -3.72 4.40
N PHE A 86 -20.39 -2.84 5.01
CA PHE A 86 -20.18 -2.41 6.39
C PHE A 86 -20.50 -3.46 7.45
N LYS A 87 -21.58 -4.22 7.26
CA LYS A 87 -21.92 -5.26 8.24
C LYS A 87 -20.87 -6.36 8.27
N GLU A 88 -20.33 -6.71 7.09
CA GLU A 88 -19.20 -7.63 7.02
C GLU A 88 -18.05 -7.13 7.89
N GLN A 89 -17.70 -5.86 7.73
CA GLN A 89 -16.65 -5.22 8.52
C GLN A 89 -16.91 -5.30 10.03
N VAL A 90 -18.18 -5.13 10.42
CA VAL A 90 -18.59 -5.20 11.82
C VAL A 90 -18.44 -6.63 12.36
N SER A 91 -18.87 -7.61 11.57
CA SER A 91 -18.74 -9.02 11.91
C SER A 91 -17.30 -9.49 12.16
N LEU A 92 -16.32 -8.69 11.75
CA LEU A 92 -14.90 -8.94 12.05
C LEU A 92 -14.59 -8.88 13.54
N ALA A 93 -15.41 -8.15 14.30
CA ALA A 93 -15.26 -8.07 15.76
C ALA A 93 -15.49 -9.43 16.40
N ILE A 94 -16.36 -10.23 15.78
CA ILE A 94 -16.73 -11.55 16.27
C ILE A 94 -15.73 -12.60 15.80
N PRO A 95 -15.14 -13.37 16.73
CA PRO A 95 -14.25 -14.46 16.32
C PRO A 95 -15.03 -15.57 15.63
N ARG A 96 -14.39 -16.24 14.67
CA ARG A 96 -15.03 -17.32 13.91
C ARG A 96 -15.53 -18.46 14.79
N GLY A 97 -16.74 -18.93 14.53
CA GLY A 97 -17.35 -19.99 15.32
C GLY A 97 -18.11 -19.48 16.55
N SER A 98 -17.90 -18.21 16.89
CA SER A 98 -18.67 -17.54 17.94
C SER A 98 -19.91 -16.87 17.34
N THR A 99 -21.00 -16.84 18.09
CA THR A 99 -22.24 -16.22 17.64
C THR A 99 -22.75 -15.22 18.67
N PRO A 100 -23.00 -13.96 18.25
CA PRO A 100 -23.54 -12.98 19.19
C PRO A 100 -25.03 -13.16 19.42
N LYS A 101 -25.48 -12.85 20.62
CA LYS A 101 -26.91 -12.84 20.93
C LYS A 101 -27.54 -11.66 20.21
N LEU A 102 -28.63 -11.95 19.49
CA LEU A 102 -29.33 -10.92 18.72
C LEU A 102 -30.27 -10.11 19.63
N THR A 103 -29.66 -9.26 20.45
CA THR A 103 -30.38 -8.36 21.36
C THR A 103 -29.59 -7.07 21.41
N GLY A 104 -30.21 -6.02 21.94
CA GLY A 104 -29.52 -4.75 22.13
C GLY A 104 -30.05 -3.68 21.20
N LYS A 105 -29.35 -2.56 21.19
CA LYS A 105 -29.76 -1.37 20.45
C LYS A 105 -29.68 -1.54 18.92
N ALA A 106 -30.44 -0.69 18.23
CA ALA A 106 -30.39 -0.62 16.77
C ALA A 106 -29.45 0.52 16.38
N VAL A 107 -28.74 0.34 15.26
CA VAL A 107 -27.74 1.32 14.84
C VAL A 107 -28.15 1.96 13.52
N ASP A 108 -28.19 3.28 13.54
CA ASP A 108 -28.42 4.07 12.34
C ASP A 108 -27.10 4.71 11.96
N VAL A 109 -26.59 4.29 10.81
CA VAL A 109 -25.38 4.88 10.25
C VAL A 109 -25.79 5.90 9.19
N TYR A 110 -25.35 7.15 9.39
CA TYR A 110 -25.69 8.25 8.49
C TYR A 110 -24.47 8.72 7.73
N LEU A 111 -24.48 8.51 6.41
CA LEU A 111 -23.37 8.90 5.55
C LEU A 111 -23.66 10.23 4.85
N VAL A 112 -22.84 11.23 5.16
CA VAL A 112 -22.96 12.56 4.58
C VAL A 112 -21.75 12.85 3.70
N ASN A 113 -21.93 12.63 2.39
CA ASN A 113 -20.91 12.97 1.39
C ASN A 113 -21.20 14.35 0.82
N GLU A 114 -20.34 15.31 1.16
CA GLU A 114 -20.58 16.72 0.86
C GLU A 114 -20.26 17.11 -0.59
N ASN A 115 -19.62 16.22 -1.32
CA ASN A 115 -19.40 16.38 -2.74
C ASN A 115 -19.61 15.09 -3.46
N PRO A 116 -20.84 14.68 -3.61
CA PRO A 116 -21.19 13.33 -4.01
C PRO A 116 -20.81 12.93 -5.42
N ASN A 117 -20.39 13.86 -6.27
CA ASN A 117 -19.95 13.47 -7.60
C ASN A 117 -18.46 13.17 -7.72
N GLU A 118 -17.64 13.56 -6.76
CA GLU A 118 -16.23 13.35 -6.90
C GLU A 118 -15.79 11.90 -6.75
N LYS A 119 -15.12 11.35 -7.74
CA LYS A 119 -14.53 10.06 -7.60
C LYS A 119 -13.17 9.90 -8.20
N ALA A 120 -12.46 10.97 -8.44
CA ALA A 120 -11.16 10.87 -9.04
C ALA A 120 -10.05 10.79 -8.04
N PHE A 121 -9.06 9.97 -8.33
CA PHE A 121 -7.85 9.96 -7.53
C PHE A 121 -6.96 11.12 -7.92
N SER A 122 -6.34 11.76 -6.93
CA SER A 122 -5.36 12.83 -7.14
C SER A 122 -4.58 13.06 -5.85
N LEU A 123 -3.40 13.63 -5.96
CA LEU A 123 -2.59 13.95 -4.79
C LEU A 123 -3.25 15.02 -3.92
N GLU A 124 -4.22 15.73 -4.49
CA GLU A 124 -4.92 16.81 -3.80
C GLU A 124 -6.32 16.39 -3.31
N MET A 125 -6.67 15.12 -3.50
CA MET A 125 -7.96 14.60 -3.04
C MET A 125 -8.12 14.74 -1.53
N ASP A 126 -9.35 14.88 -1.09
CA ASP A 126 -9.61 15.12 0.30
C ASP A 126 -10.05 13.86 1.01
N GLU A 127 -9.21 13.36 1.90
CA GLU A 127 -9.47 12.09 2.54
C GLU A 127 -9.98 12.25 3.96
N SER A 128 -10.34 13.47 4.33
CA SER A 128 -10.80 13.81 5.66
C SER A 128 -12.20 13.34 5.99
N TYR A 129 -12.49 13.15 7.25
CA TYR A 129 -13.84 12.80 7.69
C TYR A 129 -14.06 13.19 9.16
N GLY A 130 -15.33 13.26 9.54
CA GLY A 130 -15.71 13.44 10.93
C GLY A 130 -16.61 12.28 11.33
N LEU A 131 -16.34 11.70 12.50
CA LEU A 131 -17.15 10.62 13.03
C LEU A 131 -17.74 11.00 14.37
N ARG A 132 -19.07 10.90 14.48
CA ARG A 132 -19.74 11.11 15.74
C ARG A 132 -20.68 9.95 16.03
N VAL A 133 -20.51 9.39 17.22
CA VAL A 133 -21.43 8.38 17.72
C VAL A 133 -22.01 8.89 19.03
N SER A 134 -23.33 8.78 19.17
CA SER A 134 -24.04 9.12 20.40
C SER A 134 -25.37 8.38 20.46
N PRO A 135 -25.92 8.16 21.67
CA PRO A 135 -27.22 7.50 21.82
C PRO A 135 -28.33 8.27 21.11
N SER A 136 -29.32 7.54 20.61
CA SER A 136 -30.45 8.14 19.91
C SER A 136 -31.74 7.53 20.42
N GLY A 137 -32.51 8.33 21.15
CA GLY A 137 -33.69 7.83 21.83
C GLY A 137 -33.29 6.88 22.95
N ALA A 138 -34.06 5.80 23.09
CA ALA A 138 -33.81 4.84 24.15
C ALA A 138 -33.26 3.51 23.64
N ASP A 139 -33.62 3.16 22.40
CA ASP A 139 -33.30 1.85 21.83
C ASP A 139 -32.38 1.90 20.62
N ARG A 140 -31.72 3.04 20.39
CA ARG A 140 -30.85 3.14 19.21
C ARG A 140 -29.65 4.08 19.29
N VAL A 141 -28.81 4.01 18.26
CA VAL A 141 -27.54 4.73 18.18
C VAL A 141 -27.50 5.56 16.90
N ASN A 142 -26.96 6.77 17.01
CA ASN A 142 -26.73 7.65 15.86
C ASN A 142 -25.24 7.70 15.51
N ALA A 143 -24.87 7.00 14.45
CA ALA A 143 -23.53 7.05 13.90
C ALA A 143 -23.51 7.92 12.64
N THR A 144 -22.87 9.07 12.72
CA THR A 144 -22.84 10.01 11.60
C THR A 144 -21.42 10.28 11.10
N ILE A 145 -21.19 9.91 9.84
CA ILE A 145 -19.93 10.18 9.16
C ILE A 145 -20.13 11.34 8.18
N THR A 146 -19.28 12.37 8.30
CA THR A 146 -19.36 13.53 7.45
C THR A 146 -18.04 13.72 6.74
N ALA A 147 -18.07 13.70 5.41
CA ALA A 147 -16.84 13.83 4.64
C ALA A 147 -16.99 14.65 3.35
N ASN A 148 -15.90 15.34 3.02
CA ASN A 148 -15.81 16.15 1.80
C ASN A 148 -15.84 15.34 0.50
N SER A 149 -15.54 14.05 0.57
CA SER A 149 -15.57 13.16 -0.59
C SER A 149 -15.93 11.73 -0.21
N PHE A 150 -16.21 10.91 -1.23
CA PHE A 150 -16.45 9.49 -1.02
C PHE A 150 -15.29 8.83 -0.29
N PHE A 151 -14.07 9.26 -0.62
CA PHE A 151 -12.87 8.62 -0.09
C PHE A 151 -12.72 8.84 1.40
N GLY A 152 -12.96 10.07 1.85
CA GLY A 152 -13.01 10.38 3.28
C GLY A 152 -14.13 9.61 3.96
N MET A 153 -15.23 9.42 3.24
CA MET A 153 -16.39 8.75 3.78
C MET A 153 -16.13 7.27 4.05
N ARG A 154 -15.49 6.56 3.10
CA ARG A 154 -15.26 5.13 3.31
C ARG A 154 -14.16 4.86 4.34
N HIS A 155 -13.19 5.77 4.41
CA HIS A 155 -12.28 5.80 5.55
C HIS A 155 -13.06 5.86 6.87
N GLY A 156 -14.08 6.72 6.94
CA GLY A 156 -14.90 6.87 8.13
C GLY A 156 -15.66 5.60 8.50
N LEU A 157 -16.19 4.91 7.50
CA LEU A 157 -16.82 3.61 7.71
C LEU A 157 -15.81 2.59 8.26
N GLU A 158 -14.55 2.72 7.87
CA GLU A 158 -13.51 1.80 8.34
C GLU A 158 -13.28 2.03 9.84
N THR A 159 -13.06 3.29 10.21
CA THR A 159 -12.89 3.66 11.61
C THR A 159 -14.10 3.27 12.45
N LEU A 160 -15.30 3.54 11.94
CA LEU A 160 -16.50 3.17 12.66
C LEU A 160 -16.55 1.67 12.96
N SER A 161 -16.26 0.84 11.96
CA SER A 161 -16.29 -0.63 12.16
C SER A 161 -15.33 -1.08 13.26
N GLN A 162 -14.29 -0.29 13.50
CA GLN A 162 -13.31 -0.61 14.54
C GLN A 162 -13.81 -0.29 15.97
N LEU A 163 -14.98 0.34 16.07
CA LEU A 163 -15.55 0.74 17.37
C LEU A 163 -16.52 -0.30 17.91
N PHE A 164 -16.52 -1.48 17.32
CA PHE A 164 -17.29 -2.63 17.78
C PHE A 164 -16.38 -3.63 18.46
N VAL A 165 -16.83 -4.20 19.57
CA VAL A 165 -16.09 -5.24 20.27
C VAL A 165 -17.00 -6.39 20.61
N PHE A 166 -16.47 -7.60 20.51
CA PHE A 166 -17.22 -8.77 20.93
C PHE A 166 -16.83 -9.12 22.36
N ASP A 167 -17.85 -9.29 23.21
CA ASP A 167 -17.71 -9.72 24.59
C ASP A 167 -17.89 -11.24 24.56
N ASP A 168 -16.78 -11.97 24.64
CA ASP A 168 -16.85 -13.43 24.57
C ASP A 168 -17.19 -14.08 25.91
N ILE A 169 -17.19 -13.27 26.97
CA ILE A 169 -17.68 -13.73 28.27
C ILE A 169 -19.21 -13.87 28.20
N ARG A 170 -19.86 -12.85 27.65
CA ARG A 170 -21.32 -12.79 27.60
C ARG A 170 -21.94 -13.13 26.24
N ASP A 171 -21.10 -13.25 25.21
CA ASP A 171 -21.55 -13.37 23.81
C ASP A 171 -22.37 -12.15 23.37
N HIS A 172 -21.86 -10.96 23.69
CA HIS A 172 -22.51 -9.71 23.31
C HIS A 172 -21.65 -8.96 22.33
N LEU A 173 -22.27 -8.46 21.26
CA LEU A 173 -21.65 -7.49 20.40
C LEU A 173 -21.84 -6.10 20.99
N LEU A 174 -20.72 -5.40 21.19
CA LEU A 174 -20.75 -4.08 21.82
C LEU A 174 -20.22 -3.01 20.88
N MET A 175 -20.45 -1.76 21.26
CA MET A 175 -20.04 -0.61 20.47
C MET A 175 -19.79 0.57 21.41
N VAL A 176 -18.76 1.35 21.11
CA VAL A 176 -18.45 2.55 21.88
C VAL A 176 -19.61 3.54 21.83
N ARG A 177 -20.02 4.02 22.99
CA ARG A 177 -21.29 4.75 23.14
C ARG A 177 -21.22 6.20 22.69
N ASP A 178 -20.17 6.89 23.11
CA ASP A 178 -20.04 8.31 22.83
C ASP A 178 -18.72 8.59 22.15
N VAL A 179 -18.78 8.82 20.84
CA VAL A 179 -17.58 9.03 20.04
C VAL A 179 -17.58 10.39 19.35
N ASN A 180 -16.45 11.09 19.44
CA ASN A 180 -16.20 12.25 18.59
C ASN A 180 -14.83 12.18 17.93
N ILE A 181 -14.81 11.83 16.64
CA ILE A 181 -13.56 11.73 15.88
C ILE A 181 -13.51 12.68 14.68
N SER A 182 -12.39 13.39 14.56
CA SER A 182 -12.08 14.13 13.36
C SER A 182 -10.69 13.68 12.88
N ASP A 183 -10.57 13.43 11.58
CA ASP A 183 -9.42 12.70 11.05
C ASP A 183 -9.10 13.05 9.60
N LYS A 184 -7.80 13.14 9.30
CA LYS A 184 -7.29 13.33 7.94
C LYS A 184 -5.84 12.83 7.88
N PRO A 185 -5.43 12.25 6.74
CA PRO A 185 -4.06 11.72 6.61
C PRO A 185 -3.00 12.81 6.47
N VAL A 186 -1.84 12.59 7.08
CA VAL A 186 -0.70 13.49 6.92
C VAL A 186 -0.19 13.50 5.47
N TYR A 187 -0.06 12.31 4.87
CA TYR A 187 0.45 12.16 3.50
C TYR A 187 -0.60 11.58 2.54
N PRO A 188 -0.65 12.13 1.30
CA PRO A 188 -1.63 11.70 0.31
C PRO A 188 -1.30 10.37 -0.39
N TYR A 189 -0.05 9.95 -0.40
CA TYR A 189 0.39 8.71 -1.06
C TYR A 189 0.85 7.68 -0.06
N ARG A 190 0.02 6.68 0.17
CA ARG A 190 0.31 5.63 1.11
C ARG A 190 0.13 4.27 0.44
N GLY A 191 1.24 3.65 0.13
CA GLY A 191 1.32 2.64 -0.87
C GLY A 191 2.00 1.34 -0.59
N ILE A 192 1.72 0.35 -1.43
CA ILE A 192 2.43 -0.91 -1.47
C ILE A 192 2.82 -1.16 -2.93
N LEU A 193 4.11 -1.45 -3.15
CA LEU A 193 4.62 -1.89 -4.44
C LEU A 193 4.57 -3.42 -4.47
N LEU A 194 3.82 -3.98 -5.42
CA LEU A 194 3.76 -5.43 -5.62
C LEU A 194 4.34 -5.80 -6.96
N ASP A 195 5.46 -6.51 -6.90
CA ASP A 195 6.16 -7.00 -8.07
C ASP A 195 5.49 -8.32 -8.50
N THR A 196 4.82 -8.31 -9.65
CA THR A 196 4.13 -9.52 -10.15
C THR A 196 4.79 -10.05 -11.42
N ALA A 197 6.10 -9.81 -11.53
CA ALA A 197 6.85 -10.27 -12.68
C ALA A 197 8.01 -11.18 -12.31
N ARG A 198 8.56 -10.98 -11.10
CA ARG A 198 9.59 -11.88 -10.60
C ARG A 198 8.96 -13.21 -10.20
N ASN A 199 7.68 -13.15 -9.86
CA ASN A 199 6.83 -14.32 -9.65
C ASN A 199 5.39 -13.86 -9.84
N TYR A 200 4.51 -14.79 -10.19
CA TYR A 200 3.12 -14.45 -10.47
C TYR A 200 2.27 -14.45 -9.20
N TYR A 201 1.28 -13.56 -9.16
CA TYR A 201 0.37 -13.46 -8.02
C TYR A 201 -1.04 -13.61 -8.55
N SER A 202 -1.82 -14.52 -7.98
CA SER A 202 -3.17 -14.70 -8.48
C SER A 202 -3.95 -13.41 -8.27
N ILE A 203 -4.91 -13.13 -9.15
CA ILE A 203 -5.68 -11.90 -8.97
C ILE A 203 -6.50 -11.95 -7.67
N GLU A 204 -6.91 -13.15 -7.25
CA GLU A 204 -7.58 -13.31 -5.96
C GLU A 204 -6.73 -12.74 -4.83
N SER A 205 -5.44 -13.05 -4.85
CA SER A 205 -4.52 -12.61 -3.79
C SER A 205 -4.24 -11.11 -3.88
N ILE A 206 -4.32 -10.57 -5.09
CA ILE A 206 -4.16 -9.15 -5.30
C ILE A 206 -5.35 -8.39 -4.70
N LYS A 207 -6.56 -8.89 -4.96
CA LYS A 207 -7.79 -8.33 -4.35
C LYS A 207 -7.77 -8.41 -2.83
N ARG A 208 -7.35 -9.56 -2.30
CA ARG A 208 -7.22 -9.77 -0.86
C ARG A 208 -6.27 -8.72 -0.24
N THR A 209 -5.19 -8.44 -0.94
CA THR A 209 -4.23 -7.43 -0.53
C THR A 209 -4.89 -6.05 -0.45
N ILE A 210 -5.70 -5.72 -1.45
CA ILE A 210 -6.43 -4.46 -1.49
C ILE A 210 -7.37 -4.35 -0.28
N GLU A 211 -8.06 -5.44 0.05
CA GLU A 211 -8.93 -5.51 1.23
C GLU A 211 -8.19 -5.14 2.51
N ALA A 212 -7.04 -5.78 2.72
CA ALA A 212 -6.22 -5.50 3.89
C ALA A 212 -5.71 -4.05 3.88
N MET A 213 -5.38 -3.54 2.70
CA MET A 213 -4.95 -2.15 2.54
C MET A 213 -6.05 -1.18 2.99
N ALA A 214 -7.26 -1.41 2.48
CA ALA A 214 -8.42 -0.58 2.81
C ALA A 214 -8.67 -0.58 4.33
N ALA A 215 -8.40 -1.72 4.97
CA ALA A 215 -8.62 -1.90 6.41
C ALA A 215 -7.75 -0.99 7.28
N VAL A 216 -6.63 -0.53 6.73
CA VAL A 216 -5.73 0.38 7.46
C VAL A 216 -5.49 1.70 6.71
N LYS A 217 -6.36 1.97 5.74
CA LYS A 217 -6.43 3.26 5.03
C LYS A 217 -5.24 3.55 4.11
N LEU A 218 -4.58 2.50 3.65
CA LEU A 218 -3.59 2.64 2.58
C LEU A 218 -4.36 2.85 1.27
N ASN A 219 -3.84 3.71 0.40
CA ASN A 219 -4.63 4.17 -0.75
C ASN A 219 -4.01 3.96 -2.12
N THR A 220 -2.83 3.32 -2.17
CA THR A 220 -2.14 3.15 -3.45
C THR A 220 -1.49 1.78 -3.62
N PHE A 221 -1.96 1.09 -4.65
CA PHE A 221 -1.37 -0.16 -5.03
C PHE A 221 -0.50 0.07 -6.27
N HIS A 222 0.81 0.00 -6.09
CA HIS A 222 1.77 0.19 -7.17
C HIS A 222 2.06 -1.18 -7.80
N TRP A 223 1.60 -1.38 -9.03
CA TRP A 223 1.61 -2.69 -9.65
C TRP A 223 2.80 -2.82 -10.59
N HIS A 224 3.89 -3.38 -10.06
CA HIS A 224 5.09 -3.52 -10.84
C HIS A 224 4.85 -4.78 -11.69
N ILE A 225 4.26 -4.55 -12.85
CA ILE A 225 3.64 -5.64 -13.64
C ILE A 225 4.58 -6.30 -14.67
N THR A 226 5.73 -5.72 -14.91
CA THR A 226 6.71 -6.25 -15.84
C THR A 226 8.12 -6.18 -15.33
N ASP A 227 8.94 -7.08 -15.83
CA ASP A 227 10.35 -7.12 -15.51
C ASP A 227 11.06 -8.09 -16.41
N SER A 228 12.32 -8.35 -16.16
CA SER A 228 13.11 -9.24 -16.99
C SER A 228 12.57 -10.67 -17.05
N GLN A 229 12.10 -11.16 -15.94
CA GLN A 229 11.71 -12.55 -15.73
C GLN A 229 10.39 -12.96 -16.39
N SER A 230 9.48 -12.00 -16.55
CA SER A 230 8.19 -12.28 -17.19
C SER A 230 7.42 -11.03 -17.62
N PHE A 231 6.47 -11.25 -18.53
CA PHE A 231 5.59 -10.21 -19.05
C PHE A 231 4.15 -10.71 -18.97
N PRO A 232 3.53 -10.67 -17.77
CA PRO A 232 2.16 -11.17 -17.62
C PRO A 232 1.07 -10.21 -18.08
N PHE A 233 1.44 -8.95 -18.35
CA PHE A 233 0.44 -7.95 -18.76
C PHE A 233 -0.08 -8.21 -20.17
N VAL A 234 -1.40 -8.38 -20.29
CA VAL A 234 -1.98 -8.67 -21.59
C VAL A 234 -2.11 -7.42 -22.46
N THR A 235 -1.12 -7.20 -23.31
CA THR A 235 -1.20 -6.12 -24.29
C THR A 235 -1.81 -6.62 -25.60
N THR A 236 -2.99 -6.12 -25.91
CA THR A 236 -3.73 -6.49 -27.12
C THR A 236 -3.03 -6.05 -28.41
N LYS A 237 -2.31 -4.93 -28.35
CA LYS A 237 -1.63 -4.36 -29.50
C LYS A 237 -0.30 -5.05 -29.83
N ARG A 238 0.36 -5.60 -28.82
CA ARG A 238 1.62 -6.32 -29.02
C ARG A 238 1.56 -7.68 -28.30
N PRO A 239 0.67 -8.58 -28.77
CA PRO A 239 0.32 -9.82 -28.06
C PRO A 239 1.48 -10.78 -27.85
N ASN A 240 2.47 -10.75 -28.73
CA ASN A 240 3.66 -11.59 -28.55
C ASN A 240 4.46 -11.32 -27.27
N LEU A 241 4.36 -10.11 -26.72
CA LEU A 241 5.06 -9.79 -25.48
C LEU A 241 4.58 -10.69 -24.34
N TYR A 242 3.27 -10.83 -24.18
CA TYR A 242 2.74 -11.70 -23.14
C TYR A 242 2.65 -13.17 -23.56
N LYS A 243 2.48 -13.44 -24.85
CA LYS A 243 2.49 -14.82 -25.33
C LYS A 243 3.86 -15.43 -25.15
N PHE A 244 4.92 -14.69 -25.48
CA PHE A 244 6.28 -15.18 -25.27
C PHE A 244 6.76 -14.95 -23.83
N GLY A 245 6.25 -13.91 -23.18
CA GLY A 245 6.80 -13.46 -21.90
C GLY A 245 6.21 -14.06 -20.63
N ALA A 246 4.94 -14.45 -20.68
CA ALA A 246 4.28 -15.05 -19.51
C ALA A 246 4.97 -16.33 -19.07
N LEU A 247 4.89 -16.62 -17.77
CA LEU A 247 5.46 -17.83 -17.20
C LEU A 247 4.72 -19.08 -17.67
N SER A 248 3.43 -18.90 -17.94
CA SER A 248 2.56 -19.92 -18.52
C SER A 248 1.36 -19.17 -19.08
N PRO A 249 0.53 -19.83 -19.91
CA PRO A 249 -0.64 -19.15 -20.48
C PRO A 249 -1.66 -18.68 -19.44
N GLN A 250 -1.72 -19.32 -18.28
CA GLN A 250 -2.70 -18.95 -17.25
C GLN A 250 -2.18 -17.84 -16.33
N LYS A 251 -0.85 -17.68 -16.31
CA LYS A 251 -0.20 -16.70 -15.46
C LYS A 251 -0.10 -15.36 -16.19
N VAL A 252 -1.26 -14.78 -16.47
CA VAL A 252 -1.37 -13.52 -17.17
C VAL A 252 -2.40 -12.63 -16.45
N TYR A 253 -2.36 -11.35 -16.79
CA TYR A 253 -3.37 -10.41 -16.31
C TYR A 253 -4.13 -9.83 -17.50
N THR A 254 -5.33 -10.36 -17.72
CA THR A 254 -6.14 -9.97 -18.86
C THR A 254 -6.75 -8.61 -18.62
N LYS A 255 -7.27 -7.98 -19.68
CA LYS A 255 -7.97 -6.70 -19.54
C LYS A 255 -9.11 -6.82 -18.56
N ALA A 256 -9.84 -7.95 -18.62
CA ALA A 256 -10.95 -8.22 -17.72
C ALA A 256 -10.47 -8.34 -16.26
N ALA A 257 -9.37 -9.07 -16.05
CA ALA A 257 -8.82 -9.22 -14.70
C ALA A 257 -8.39 -7.85 -14.13
N ILE A 258 -7.65 -7.07 -14.93
CA ILE A 258 -7.17 -5.77 -14.49
C ILE A 258 -8.31 -4.81 -14.20
N ARG A 259 -9.34 -4.78 -15.06
CA ARG A 259 -10.52 -3.95 -14.81
C ARG A 259 -11.18 -4.32 -13.47
N GLU A 260 -11.26 -5.62 -13.19
CA GLU A 260 -11.76 -6.10 -11.88
C GLU A 260 -10.95 -5.55 -10.70
N VAL A 261 -9.64 -5.65 -10.80
CA VAL A 261 -8.74 -5.18 -9.73
C VAL A 261 -8.88 -3.67 -9.54
N VAL A 262 -8.94 -2.94 -10.65
CA VAL A 262 -9.02 -1.49 -10.63
C VAL A 262 -10.33 -1.00 -10.00
N ARG A 263 -11.44 -1.67 -10.35
CA ARG A 263 -12.76 -1.37 -9.79
C ARG A 263 -12.82 -1.73 -8.30
N PHE A 264 -12.38 -2.95 -7.97
CA PHE A 264 -12.26 -3.40 -6.59
C PHE A 264 -11.45 -2.39 -5.76
N GLY A 265 -10.35 -1.90 -6.34
CA GLY A 265 -9.54 -0.86 -5.69
C GLY A 265 -10.31 0.44 -5.48
N LEU A 266 -10.97 0.90 -6.54
CA LEU A 266 -11.70 2.17 -6.50
C LEU A 266 -12.72 2.16 -5.38
N GLU A 267 -13.53 1.10 -5.31
CA GLU A 267 -14.55 0.93 -4.27
C GLU A 267 -13.99 1.03 -2.85
N ARG A 268 -12.69 0.80 -2.71
CA ARG A 268 -12.05 0.73 -1.40
C ARG A 268 -11.05 1.87 -1.19
N GLY A 269 -11.12 2.89 -2.03
CA GLY A 269 -10.24 4.05 -1.94
C GLY A 269 -8.79 3.77 -2.28
N VAL A 270 -8.56 2.76 -3.12
CA VAL A 270 -7.20 2.36 -3.51
C VAL A 270 -6.96 2.62 -5.01
N ARG A 271 -5.98 3.49 -5.27
CA ARG A 271 -5.49 3.81 -6.60
C ARG A 271 -4.59 2.68 -7.10
N VAL A 272 -4.93 2.11 -8.25
CA VAL A 272 -4.10 1.08 -8.85
C VAL A 272 -3.19 1.71 -9.90
N LEU A 273 -1.92 1.84 -9.54
CA LEU A 273 -0.93 2.60 -10.29
C LEU A 273 0.02 1.66 -11.00
N PRO A 274 -0.04 1.61 -12.35
CA PRO A 274 0.80 0.68 -13.09
C PRO A 274 2.23 1.21 -13.30
N GLU A 275 3.17 0.28 -13.39
CA GLU A 275 4.52 0.61 -13.76
C GLU A 275 4.95 -0.18 -14.99
N PHE A 276 5.54 0.51 -15.96
CA PHE A 276 6.34 -0.18 -16.95
C PHE A 276 7.80 0.21 -16.77
N ASP A 277 8.56 -0.68 -16.15
CA ASP A 277 9.96 -0.44 -15.88
C ASP A 277 10.79 -0.45 -17.18
N ALA A 278 11.48 0.66 -17.44
CA ALA A 278 12.34 0.79 -18.62
C ALA A 278 13.47 1.79 -18.38
N PRO A 279 14.58 1.69 -19.15
CA PRO A 279 14.90 0.69 -20.17
C PRO A 279 15.63 -0.55 -19.68
N ALA A 280 15.99 -0.61 -18.40
CA ALA A 280 16.48 -1.84 -17.81
C ALA A 280 15.26 -2.68 -17.38
N HIS A 281 15.50 -3.83 -16.76
CA HIS A 281 14.40 -4.67 -16.27
C HIS A 281 13.45 -5.09 -17.39
N VAL A 282 14.01 -5.46 -18.53
CA VAL A 282 13.26 -6.02 -19.65
C VAL A 282 13.94 -7.25 -20.14
N GLY A 283 13.18 -8.20 -20.62
CA GLY A 283 13.71 -9.45 -21.05
C GLY A 283 12.67 -10.30 -21.74
N GLU A 284 12.09 -11.20 -20.98
CA GLU A 284 11.13 -12.13 -21.50
C GLU A 284 10.01 -11.38 -22.14
N GLY A 285 9.62 -11.84 -23.32
CA GLY A 285 8.55 -11.25 -24.12
C GLY A 285 9.06 -10.57 -25.36
N TRP A 286 10.29 -10.03 -25.28
CA TRP A 286 10.89 -9.24 -26.37
C TRP A 286 11.69 -10.07 -27.39
N GLN A 287 11.71 -11.40 -27.22
CA GLN A 287 12.34 -12.29 -28.19
C GLN A 287 11.81 -12.05 -29.60
N ASP A 288 12.71 -12.09 -30.58
CA ASP A 288 12.36 -11.95 -32.00
C ASP A 288 12.03 -10.53 -32.47
N THR A 289 12.16 -9.55 -31.58
CA THR A 289 11.88 -8.15 -31.95
C THR A 289 13.16 -7.40 -32.31
N ASP A 290 14.28 -7.87 -31.78
CA ASP A 290 15.58 -7.19 -31.90
C ASP A 290 15.60 -5.80 -31.23
N LEU A 291 14.71 -5.61 -30.25
CA LEU A 291 14.58 -4.34 -29.54
C LEU A 291 15.23 -4.35 -28.15
N THR A 292 15.80 -5.48 -27.77
CA THR A 292 16.57 -5.58 -26.53
C THR A 292 18.01 -5.97 -26.81
N VAL A 293 18.88 -5.74 -25.84
CA VAL A 293 20.26 -6.22 -25.88
C VAL A 293 20.60 -6.93 -24.57
N CYS A 294 21.57 -7.86 -24.63
CA CYS A 294 22.08 -8.59 -23.46
C CYS A 294 21.13 -9.62 -22.85
N PHE A 295 20.00 -9.90 -23.48
CA PHE A 295 19.08 -10.86 -22.87
C PHE A 295 19.81 -12.17 -22.60
N LYS A 296 19.79 -12.58 -21.33
CA LYS A 296 20.47 -13.79 -20.86
C LYS A 296 21.99 -13.74 -21.03
N ALA A 297 22.54 -12.53 -21.10
CA ALA A 297 23.98 -12.33 -21.24
C ALA A 297 24.75 -13.05 -20.14
N GLU A 298 25.83 -13.73 -20.53
CA GLU A 298 26.67 -14.45 -19.58
C GLU A 298 28.15 -14.08 -19.72
N PRO A 299 28.87 -13.95 -18.58
CA PRO A 299 28.42 -14.11 -17.20
C PRO A 299 27.55 -12.92 -16.76
N TRP A 300 26.37 -13.22 -16.20
CA TRP A 300 25.39 -12.19 -15.84
C TRP A 300 25.94 -11.11 -14.90
N LYS A 301 26.90 -11.50 -14.07
CA LYS A 301 27.50 -10.62 -13.06
C LYS A 301 28.20 -9.40 -13.67
N SER A 302 28.55 -9.50 -14.95
CA SER A 302 29.27 -8.43 -15.65
C SER A 302 28.34 -7.42 -16.32
N TYR A 303 27.07 -7.78 -16.46
CA TYR A 303 26.14 -7.01 -17.29
C TYR A 303 24.91 -6.50 -16.57
N CYS A 304 24.54 -7.12 -15.45
CA CYS A 304 23.32 -6.71 -14.74
C CYS A 304 23.33 -7.04 -13.24
N VAL A 305 22.38 -6.42 -12.53
CA VAL A 305 22.21 -6.57 -11.08
C VAL A 305 21.82 -8.00 -10.69
N GLU A 306 20.94 -8.62 -11.48
CA GLU A 306 20.46 -9.98 -11.22
C GLU A 306 20.04 -10.66 -12.52
N PRO A 307 20.21 -12.00 -12.61
CA PRO A 307 19.83 -12.69 -13.84
C PRO A 307 18.31 -12.76 -13.98
N PRO A 308 17.78 -12.70 -15.21
CA PRO A 308 18.52 -12.59 -16.46
C PRO A 308 18.84 -11.14 -16.83
N CYS A 309 19.97 -10.91 -17.48
CA CYS A 309 20.27 -9.58 -18.00
C CYS A 309 19.36 -9.28 -19.18
N GLY A 310 19.29 -8.01 -19.56
CA GLY A 310 18.47 -7.56 -20.68
C GLY A 310 18.04 -6.11 -20.55
N GLN A 311 18.18 -5.35 -21.64
CA GLN A 311 17.80 -3.93 -21.65
C GLN A 311 17.26 -3.54 -23.01
N LEU A 312 16.39 -2.53 -23.04
CA LEU A 312 15.88 -1.99 -24.27
C LEU A 312 17.00 -1.32 -25.06
N ASN A 313 16.90 -1.41 -26.39
CA ASN A 313 17.83 -0.72 -27.28
C ASN A 313 17.17 0.58 -27.70
N PRO A 314 17.64 1.71 -27.14
CA PRO A 314 16.95 2.99 -27.38
C PRO A 314 17.24 3.60 -28.75
N THR A 315 18.12 2.96 -29.52
CA THR A 315 18.49 3.45 -30.86
C THR A 315 17.60 2.88 -31.97
N LYS A 316 16.64 2.02 -31.61
CA LYS A 316 15.67 1.51 -32.56
C LYS A 316 14.40 2.34 -32.46
N ASP A 317 13.97 2.94 -33.56
CA ASP A 317 12.81 3.81 -33.53
C ASP A 317 11.51 3.04 -33.40
N GLU A 318 11.53 1.76 -33.80
CA GLU A 318 10.37 0.87 -33.64
C GLU A 318 10.03 0.66 -32.15
N LEU A 319 11.06 0.64 -31.31
CA LEU A 319 10.91 0.56 -29.85
C LEU A 319 9.78 1.45 -29.32
N TYR A 320 9.76 2.69 -29.78
CA TYR A 320 8.83 3.69 -29.26
C TYR A 320 7.41 3.49 -29.78
N GLN A 321 7.28 2.74 -30.88
CA GLN A 321 5.96 2.29 -31.36
C GLN A 321 5.45 1.18 -30.44
N TYR A 322 6.33 0.29 -30.00
CA TYR A 322 5.98 -0.74 -29.01
C TYR A 322 5.55 -0.12 -27.68
N LEU A 323 6.38 0.76 -27.15
CA LEU A 323 6.09 1.45 -25.89
C LEU A 323 4.78 2.22 -25.94
N GLU A 324 4.55 2.95 -27.02
CA GLU A 324 3.31 3.68 -27.20
C GLU A 324 2.12 2.75 -27.08
N ASP A 325 2.23 1.59 -27.71
CA ASP A 325 1.18 0.56 -27.66
C ASP A 325 1.01 -0.01 -26.26
N ILE A 326 2.10 -0.42 -25.62
CA ILE A 326 2.08 -0.93 -24.24
C ILE A 326 1.41 0.08 -23.29
N TYR A 327 1.87 1.34 -23.34
CA TYR A 327 1.33 2.39 -22.48
C TYR A 327 -0.15 2.65 -22.74
N SER A 328 -0.55 2.60 -24.00
CA SER A 328 -1.95 2.82 -24.40
C SER A 328 -2.87 1.73 -23.88
N ASP A 329 -2.40 0.48 -23.99
CA ASP A 329 -3.11 -0.66 -23.44
C ASP A 329 -3.21 -0.56 -21.92
N MET A 330 -2.11 -0.12 -21.29
CA MET A 330 -2.13 0.14 -19.84
C MET A 330 -3.12 1.22 -19.47
N ALA A 331 -3.08 2.34 -20.19
CA ALA A 331 -3.98 3.47 -19.89
C ALA A 331 -5.45 3.09 -20.02
N GLU A 332 -5.76 2.16 -20.92
CA GLU A 332 -7.13 1.73 -21.15
C GLU A 332 -7.75 1.03 -19.92
N VAL A 333 -6.99 0.15 -19.28
CA VAL A 333 -7.53 -0.64 -18.17
C VAL A 333 -7.19 -0.07 -16.80
N PHE A 334 -6.02 0.55 -16.67
CA PHE A 334 -5.66 1.31 -15.49
C PHE A 334 -6.20 2.74 -15.62
N ASP A 335 -7.53 2.86 -15.59
CA ASP A 335 -8.18 4.14 -15.89
C ASP A 335 -8.56 4.97 -14.66
N THR A 336 -8.15 4.54 -13.47
CA THR A 336 -8.34 5.38 -12.28
C THR A 336 -7.06 6.10 -11.90
N THR A 337 -5.92 5.65 -12.44
CA THR A 337 -4.65 6.23 -12.04
C THR A 337 -4.46 7.65 -12.57
N ASP A 338 -3.93 8.51 -11.69
CA ASP A 338 -3.60 9.88 -12.03
C ASP A 338 -2.10 10.02 -12.23
N ILE A 339 -1.37 8.92 -12.01
CA ILE A 339 0.09 8.93 -12.07
C ILE A 339 0.59 7.70 -12.85
N PHE A 340 1.72 7.83 -13.54
CA PHE A 340 2.34 6.70 -14.22
C PHE A 340 3.75 6.52 -13.73
N HIS A 341 4.12 5.27 -13.46
CA HIS A 341 5.45 4.95 -12.99
C HIS A 341 6.23 4.37 -14.15
N MET A 342 7.41 4.92 -14.42
CA MET A 342 8.19 4.55 -15.60
C MET A 342 9.50 3.89 -15.22
N GLY A 343 9.59 3.49 -13.96
CA GLY A 343 10.72 2.71 -13.48
C GLY A 343 11.96 3.54 -13.30
N GLY A 344 12.83 3.52 -14.31
CA GLY A 344 14.09 4.24 -14.23
C GLY A 344 15.08 3.54 -13.34
N ASP A 345 14.87 2.24 -13.15
CA ASP A 345 15.82 1.42 -12.42
C ASP A 345 17.18 1.44 -13.11
N GLU A 346 18.23 1.33 -12.31
CA GLU A 346 19.60 1.55 -12.78
C GLU A 346 19.93 0.81 -14.07
N VAL A 347 20.36 1.57 -15.06
CA VAL A 347 20.75 1.03 -16.35
C VAL A 347 22.19 0.57 -16.32
N SER A 348 22.44 -0.55 -16.99
CA SER A 348 23.79 -1.08 -17.16
C SER A 348 24.46 -0.40 -18.35
N GLU A 349 25.66 0.08 -18.09
CA GLU A 349 26.50 0.75 -19.08
C GLU A 349 27.21 -0.28 -19.92
N ALA A 350 27.70 -1.34 -19.27
CA ALA A 350 28.39 -2.44 -19.94
C ALA A 350 27.49 -3.12 -20.96
N CYS A 351 26.21 -3.24 -20.59
CA CYS A 351 25.24 -3.86 -21.47
C CYS A 351 25.04 -3.06 -22.75
N TRP A 352 24.93 -1.74 -22.63
CA TRP A 352 24.77 -0.88 -23.79
C TRP A 352 26.06 -0.79 -24.64
N ASN A 353 27.21 -0.80 -23.98
CA ASN A 353 28.52 -0.73 -24.65
C ASN A 353 28.90 -2.00 -25.42
N SER A 354 28.20 -3.10 -25.15
CA SER A 354 28.47 -4.37 -25.82
C SER A 354 27.66 -4.57 -27.11
N SER A 355 26.84 -3.57 -27.45
CA SER A 355 26.07 -3.60 -28.70
C SER A 355 26.70 -2.73 -29.80
N ASP A 356 26.88 -3.34 -30.97
CA ASP A 356 27.43 -2.66 -32.15
C ASP A 356 26.53 -1.50 -32.60
N SER A 357 25.23 -1.79 -32.77
CA SER A 357 24.26 -0.81 -33.26
C SER A 357 24.21 0.43 -32.38
N ILE A 358 24.38 0.24 -31.07
CA ILE A 358 24.41 1.33 -30.10
C ILE A 358 25.70 2.13 -30.21
N GLN A 359 26.83 1.44 -30.34
CA GLN A 359 28.14 2.09 -30.51
C GLN A 359 28.24 2.86 -31.83
N ASN A 360 27.62 2.32 -32.88
CA ASN A 360 27.53 3.01 -34.17
C ASN A 360 26.66 4.27 -34.08
N PHE A 361 25.57 4.17 -33.32
CA PHE A 361 24.65 5.29 -33.10
C PHE A 361 25.33 6.44 -32.37
N MET A 362 26.18 6.11 -31.40
CA MET A 362 26.85 7.12 -30.57
C MET A 362 28.03 7.79 -31.28
N MET A 363 28.62 7.08 -32.24
CA MET A 363 29.65 7.64 -33.11
C MET A 363 29.06 8.74 -33.99
N GLN A 364 27.93 8.44 -34.63
CA GLN A 364 27.22 9.38 -35.51
C GLN A 364 26.70 10.62 -34.79
N ASN A 365 26.48 10.53 -33.50
CA ASN A 365 25.90 11.60 -32.71
C ASN A 365 26.92 12.30 -31.82
N ARG A 366 28.19 12.04 -32.10
CA ARG A 366 29.31 12.77 -31.51
C ARG A 366 29.54 12.46 -30.04
N TRP A 367 29.08 11.30 -29.61
CA TRP A 367 29.16 10.92 -28.21
C TRP A 367 30.20 9.85 -28.07
N ASP A 368 30.97 9.88 -27.01
CA ASP A 368 31.99 8.88 -26.81
C ASP A 368 31.40 7.90 -25.83
N LEU A 369 32.15 6.87 -25.51
CA LEU A 369 31.73 5.77 -24.67
C LEU A 369 32.19 5.98 -23.26
N ASP A 370 32.28 7.25 -22.89
CA ASP A 370 32.81 7.68 -21.61
C ASP A 370 31.85 7.72 -20.43
N LYS A 371 30.58 7.44 -20.65
CA LYS A 371 29.67 7.37 -19.52
C LYS A 371 29.05 8.69 -19.11
N GLU A 372 29.42 9.78 -19.77
CA GLU A 372 28.65 10.99 -19.65
C GLU A 372 27.74 10.62 -20.80
N SER A 373 28.32 9.92 -21.75
CA SER A 373 27.65 9.57 -22.97
C SER A 373 26.47 8.64 -22.76
N PHE A 374 26.70 7.61 -21.98
CA PHE A 374 25.64 6.63 -21.76
C PHE A 374 24.49 7.20 -20.95
N LEU A 375 24.78 8.22 -20.15
CA LEU A 375 23.73 8.96 -19.46
C LEU A 375 22.94 9.81 -20.44
N LYS A 376 23.62 10.27 -21.49
CA LYS A 376 22.98 11.01 -22.59
C LYS A 376 21.98 10.12 -23.33
N LEU A 377 22.37 8.86 -23.56
CA LEU A 377 21.51 7.88 -24.21
C LEU A 377 20.27 7.57 -23.38
N TRP A 378 20.46 7.35 -22.08
CA TRP A 378 19.36 7.07 -21.16
C TRP A 378 18.37 8.24 -21.15
N ASN A 379 18.89 9.46 -21.13
CA ASN A 379 18.05 10.65 -21.22
C ASN A 379 17.33 10.73 -22.56
N TYR A 380 18.04 10.40 -23.64
CA TYR A 380 17.44 10.33 -24.97
C TYR A 380 16.25 9.36 -24.96
N PHE A 381 16.44 8.19 -24.35
CA PHE A 381 15.37 7.20 -24.20
C PHE A 381 14.17 7.74 -23.40
N GLN A 382 14.45 8.22 -22.19
CA GLN A 382 13.40 8.65 -21.27
C GLN A 382 12.54 9.75 -21.87
N GLN A 383 13.18 10.67 -22.57
CA GLN A 383 12.48 11.77 -23.24
C GLN A 383 11.49 11.24 -24.29
N LYS A 384 11.95 10.31 -25.11
CA LYS A 384 11.08 9.71 -26.12
C LYS A 384 9.99 8.85 -25.49
N ALA A 385 10.35 8.04 -24.51
CA ALA A 385 9.38 7.23 -23.77
C ALA A 385 8.30 8.09 -23.10
N GLN A 386 8.75 9.16 -22.43
CA GLN A 386 7.87 10.13 -21.78
C GLN A 386 6.81 10.67 -22.73
N ASP A 387 7.25 11.03 -23.93
CA ASP A 387 6.37 11.57 -24.96
C ASP A 387 5.26 10.58 -25.31
N LYS A 388 5.64 9.32 -25.52
CA LYS A 388 4.67 8.23 -25.74
C LYS A 388 3.71 8.04 -24.58
N ALA A 389 4.22 8.13 -23.35
CA ALA A 389 3.37 8.00 -22.16
C ALA A 389 2.26 9.04 -22.13
N TYR A 390 2.59 10.30 -22.42
CA TYR A 390 1.61 11.38 -22.46
C TYR A 390 0.55 11.14 -23.53
N LYS A 391 1.00 10.73 -24.72
CA LYS A 391 0.08 10.38 -25.80
C LYS A 391 -0.86 9.27 -25.35
N ALA A 392 -0.29 8.23 -24.75
CA ALA A 392 -1.07 7.09 -24.24
C ALA A 392 -2.18 7.49 -23.27
N PHE A 393 -1.84 8.29 -22.26
CA PHE A 393 -2.83 8.69 -21.25
C PHE A 393 -3.66 9.88 -21.70
N GLY A 394 -3.33 10.43 -22.86
CA GLY A 394 -4.10 11.53 -23.47
C GLY A 394 -4.06 12.82 -22.66
N LYS A 395 -3.00 12.97 -21.87
CA LYS A 395 -2.78 14.17 -21.07
C LYS A 395 -1.40 14.09 -20.45
N LYS A 396 -0.89 15.24 -20.02
CA LYS A 396 0.32 15.28 -19.21
C LYS A 396 -0.10 14.90 -17.80
N LEU A 397 0.58 13.90 -17.23
CA LEU A 397 0.30 13.44 -15.88
C LEU A 397 1.63 13.24 -15.19
N PRO A 398 1.66 13.27 -13.84
CA PRO A 398 2.96 13.12 -13.17
C PRO A 398 3.57 11.75 -13.44
N LEU A 399 4.89 11.70 -13.56
CA LEU A 399 5.60 10.45 -13.80
C LEU A 399 6.58 10.16 -12.68
N ILE A 400 6.69 8.89 -12.31
CA ILE A 400 7.62 8.47 -11.26
C ILE A 400 8.84 7.74 -11.83
N LEU A 401 10.01 8.08 -11.31
CA LEU A 401 11.23 7.31 -11.54
C LEU A 401 11.92 7.06 -10.20
N TRP A 402 12.73 6.00 -10.13
CA TRP A 402 13.51 5.71 -8.94
C TRP A 402 14.74 6.61 -8.85
N THR A 403 15.27 6.75 -7.63
CA THR A 403 16.61 7.32 -7.46
C THR A 403 17.61 6.44 -8.18
N SER A 404 18.44 7.05 -9.01
CA SER A 404 19.41 6.33 -9.84
C SER A 404 20.49 7.31 -10.28
N THR A 405 21.43 6.81 -11.09
CA THR A 405 22.45 7.64 -11.72
C THR A 405 21.79 8.78 -12.49
N LEU A 406 20.71 8.49 -13.19
CA LEU A 406 19.97 9.50 -13.95
C LEU A 406 19.37 10.60 -13.06
N THR A 407 18.92 10.22 -11.87
CA THR A 407 18.17 11.15 -11.01
C THR A 407 19.02 11.73 -9.87
N ASN A 408 20.34 11.52 -9.95
CA ASN A 408 21.30 12.18 -9.07
C ASN A 408 21.03 13.68 -9.10
N TYR A 409 20.74 14.25 -7.92
CA TYR A 409 20.30 15.64 -7.82
C TYR A 409 21.28 16.64 -8.45
N LYS A 410 22.56 16.28 -8.49
CA LYS A 410 23.59 17.11 -9.10
C LYS A 410 23.29 17.45 -10.56
N HIS A 411 22.86 16.47 -11.35
CA HIS A 411 22.55 16.70 -12.76
C HIS A 411 21.08 16.50 -13.16
N ILE A 412 20.23 16.10 -12.21
CA ILE A 412 18.83 15.78 -12.51
C ILE A 412 18.10 16.85 -13.37
N ASP A 413 18.46 18.12 -13.15
CA ASP A 413 17.82 19.23 -13.87
C ASP A 413 18.20 19.32 -15.35
N ASP A 414 19.28 18.69 -15.73
CA ASP A 414 19.64 18.60 -17.11
C ASP A 414 18.55 17.86 -17.83
N TYR A 415 18.01 16.84 -17.19
CA TYR A 415 17.06 15.95 -17.81
C TYR A 415 15.60 16.17 -17.47
N LEU A 416 15.28 15.99 -16.22
CA LEU A 416 13.91 16.12 -15.77
C LEU A 416 13.63 17.49 -15.19
N ASN A 417 12.39 17.70 -14.80
CA ASN A 417 12.00 18.85 -13.99
C ASN A 417 11.08 18.40 -12.85
N LYS A 418 11.07 19.17 -11.78
CA LYS A 418 10.35 18.80 -10.56
C LYS A 418 8.82 18.78 -10.67
N ASP A 419 8.28 19.40 -11.72
CA ASP A 419 6.83 19.42 -11.92
C ASP A 419 6.30 18.19 -12.67
N ASP A 420 7.18 17.56 -13.43
CA ASP A 420 6.79 16.46 -14.31
C ASP A 420 7.15 15.09 -13.73
N TYR A 421 8.16 15.07 -12.85
CA TYR A 421 8.67 13.84 -12.26
C TYR A 421 8.68 13.81 -10.75
N ILE A 422 8.10 12.74 -10.20
CA ILE A 422 8.22 12.39 -8.79
C ILE A 422 9.30 11.33 -8.66
N ILE A 423 10.12 11.43 -7.63
CA ILE A 423 11.22 10.49 -7.45
C ILE A 423 10.92 9.54 -6.30
N GLN A 424 10.98 8.24 -6.59
CA GLN A 424 10.82 7.23 -5.55
C GLN A 424 12.19 6.88 -4.97
N VAL A 425 12.30 6.94 -3.65
CA VAL A 425 13.59 6.83 -2.99
C VAL A 425 13.80 5.48 -2.33
N TRP A 426 14.86 4.77 -2.73
CA TRP A 426 15.22 3.50 -2.10
C TRP A 426 16.39 3.64 -1.13
N THR A 427 17.17 4.71 -1.27
CA THR A 427 18.32 4.95 -0.40
C THR A 427 17.89 5.14 1.06
N THR A 428 18.83 5.00 2.00
CA THR A 428 18.53 5.20 3.42
C THR A 428 18.14 6.64 3.68
N GLY A 429 17.38 6.87 4.75
CA GLY A 429 16.91 8.21 5.12
C GLY A 429 17.99 9.23 5.40
N VAL A 430 19.22 8.76 5.61
CA VAL A 430 20.35 9.62 5.90
C VAL A 430 21.29 9.82 4.69
N ASP A 431 20.85 9.37 3.52
CA ASP A 431 21.64 9.54 2.29
C ASP A 431 21.52 10.98 1.80
N PRO A 432 22.68 11.62 1.47
CA PRO A 432 22.79 12.98 0.96
C PRO A 432 21.82 13.32 -0.19
N GLN A 433 21.53 12.34 -1.04
CA GLN A 433 20.65 12.50 -2.21
C GLN A 433 19.28 13.05 -1.86
N ILE A 434 18.77 12.69 -0.69
CA ILE A 434 17.43 13.11 -0.28
C ILE A 434 17.36 14.62 -0.04
N LYS A 435 18.32 15.15 0.71
CA LYS A 435 18.41 16.59 0.96
C LYS A 435 18.64 17.32 -0.36
N GLY A 436 19.61 16.82 -1.13
CA GLY A 436 19.93 17.36 -2.44
C GLY A 436 18.72 17.50 -3.36
N LEU A 437 17.91 16.45 -3.44
CA LEU A 437 16.70 16.47 -4.26
C LEU A 437 15.67 17.44 -3.72
N LEU A 438 15.45 17.40 -2.39
CA LEU A 438 14.41 18.21 -1.78
C LEU A 438 14.67 19.71 -1.93
N GLU A 439 15.94 20.09 -1.88
CA GLU A 439 16.32 21.50 -2.09
C GLU A 439 16.05 21.95 -3.53
N LYS A 440 16.17 21.03 -4.48
CA LYS A 440 15.85 21.36 -5.88
C LYS A 440 14.36 21.32 -6.21
N GLY A 441 13.52 21.13 -5.18
CA GLY A 441 12.08 21.22 -5.33
C GLY A 441 11.34 19.92 -5.66
N TYR A 442 12.09 18.81 -5.76
CA TYR A 442 11.51 17.52 -6.15
C TYR A 442 10.58 16.89 -5.11
N ARG A 443 9.51 16.23 -5.57
CA ARG A 443 8.60 15.51 -4.67
C ARG A 443 9.03 14.06 -4.53
N LEU A 444 8.88 13.52 -3.33
CA LEU A 444 9.42 12.20 -3.04
C LEU A 444 8.39 11.19 -2.55
N ILE A 445 8.64 9.93 -2.89
CA ILE A 445 7.94 8.81 -2.28
C ILE A 445 9.01 7.96 -1.60
N MET A 446 8.87 7.76 -0.31
CA MET A 446 9.84 7.07 0.47
C MET A 446 9.67 5.54 0.50
N SER A 447 10.72 4.86 0.09
CA SER A 447 10.80 3.42 0.13
C SER A 447 12.19 2.99 0.56
N ASN A 448 12.71 3.62 1.60
CA ASN A 448 14.09 3.39 1.98
C ASN A 448 14.30 1.93 2.26
N TYR A 449 15.32 1.37 1.67
CA TYR A 449 15.51 -0.09 1.68
C TYR A 449 15.85 -0.66 3.07
N ASP A 450 16.29 0.21 3.98
CA ASP A 450 16.65 -0.25 5.31
C ASP A 450 15.42 -0.38 6.21
N ALA A 451 14.30 0.21 5.78
CA ALA A 451 13.07 0.15 6.57
C ALA A 451 11.83 -0.31 5.79
N LEU A 452 11.88 -0.28 4.46
CA LEU A 452 10.67 -0.51 3.65
C LEU A 452 10.78 -1.55 2.53
N TYR A 453 11.89 -2.29 2.49
CA TYR A 453 12.00 -3.40 1.55
C TYR A 453 11.56 -4.68 2.25
N PHE A 454 10.31 -5.06 1.99
CA PHE A 454 9.66 -6.15 2.73
C PHE A 454 10.13 -7.53 2.28
N ASP A 455 11.00 -7.57 1.28
CA ASP A 455 11.56 -8.80 0.75
C ASP A 455 12.82 -9.25 1.50
N CYS A 456 13.47 -8.31 2.19
CA CYS A 456 14.74 -8.55 2.90
C CYS A 456 14.65 -9.60 4.00
N GLY A 457 15.74 -10.37 4.15
CA GLY A 457 15.88 -11.23 5.32
C GLY A 457 15.96 -12.71 5.09
N TYR A 458 15.48 -13.19 3.94
CA TYR A 458 15.39 -14.63 3.68
C TYR A 458 16.68 -15.21 3.08
N GLY A 459 16.65 -16.50 2.72
CA GLY A 459 17.83 -17.16 2.16
C GLY A 459 18.25 -16.55 0.85
N ALA A 460 19.50 -16.76 0.45
CA ALA A 460 19.95 -16.36 -0.88
C ALA A 460 19.11 -17.08 -1.93
N TRP A 461 18.84 -16.40 -3.05
CA TRP A 461 18.21 -17.07 -4.20
C TRP A 461 19.22 -17.34 -5.33
N VAL A 462 20.37 -16.68 -5.24
CA VAL A 462 21.55 -17.08 -6.00
C VAL A 462 22.66 -17.40 -5.00
N GLY A 463 23.19 -18.62 -5.09
CA GLY A 463 24.21 -19.07 -4.15
C GLY A 463 23.58 -19.34 -2.79
N ALA A 464 24.39 -19.21 -1.73
CA ALA A 464 23.94 -19.53 -0.38
C ALA A 464 24.09 -18.34 0.54
N GLY A 465 23.64 -18.49 1.78
CA GLY A 465 23.61 -17.39 2.75
C GLY A 465 22.22 -16.75 2.79
N ASN A 466 22.19 -15.44 2.94
CA ASN A 466 20.94 -14.69 2.99
C ASN A 466 20.85 -13.69 1.84
N ASN A 467 19.64 -13.19 1.56
CA ASN A 467 19.49 -12.26 0.44
C ASN A 467 20.15 -10.90 0.72
N TRP A 468 20.29 -10.08 -0.33
CA TRP A 468 21.20 -8.93 -0.32
C TRP A 468 20.94 -7.89 0.78
N CYS A 469 19.66 -7.61 1.06
CA CYS A 469 19.32 -6.51 1.98
C CYS A 469 18.94 -6.98 3.39
N SER A 470 19.29 -8.24 3.70
CA SER A 470 19.15 -8.78 5.05
C SER A 470 19.84 -7.86 6.07
N PRO A 471 19.36 -7.84 7.33
CA PRO A 471 18.34 -8.69 7.97
C PRO A 471 16.89 -8.34 7.64
N TYR A 472 15.98 -9.20 8.11
CA TYR A 472 14.53 -9.00 8.01
C TYR A 472 14.11 -7.77 8.80
N ILE A 473 13.25 -6.94 8.22
CA ILE A 473 12.87 -5.68 8.84
C ILE A 473 11.60 -5.87 9.66
N GLY A 474 11.73 -5.75 10.98
CA GLY A 474 10.60 -5.89 11.90
C GLY A 474 9.66 -4.71 11.78
N TRP A 475 8.41 -4.87 12.23
CA TRP A 475 7.43 -3.80 12.15
C TRP A 475 7.90 -2.59 12.98
N GLN A 476 8.69 -2.83 14.02
CA GLN A 476 9.22 -1.77 14.88
C GLN A 476 10.00 -0.77 14.04
N LYS A 477 10.86 -1.31 13.18
CA LYS A 477 11.72 -0.53 12.31
C LYS A 477 10.95 0.21 11.21
N VAL A 478 9.92 -0.40 10.67
CA VAL A 478 9.08 0.30 9.70
C VAL A 478 8.21 1.39 10.35
N TYR A 479 7.77 1.14 11.59
CA TYR A 479 6.98 2.15 12.31
C TYR A 479 7.78 3.43 12.59
N ASP A 480 9.02 3.28 13.02
CA ASP A 480 9.84 4.41 13.46
C ASP A 480 10.45 5.22 12.32
N ASN A 481 10.50 4.64 11.12
CA ASN A 481 11.02 5.31 9.93
C ASN A 481 10.11 6.46 9.52
N SER A 482 10.54 7.68 9.82
CA SER A 482 9.71 8.86 9.66
C SER A 482 10.18 9.75 8.51
N PRO A 483 9.34 9.92 7.47
CA PRO A 483 9.64 10.83 6.36
C PRO A 483 9.82 12.27 6.84
N ALA A 484 9.02 12.69 7.83
CA ALA A 484 9.11 14.03 8.41
C ALA A 484 10.49 14.30 9.02
N VAL A 485 11.04 13.30 9.71
CA VAL A 485 12.41 13.35 10.21
C VAL A 485 13.40 13.42 9.05
N ILE A 486 13.17 12.61 8.02
CA ILE A 486 14.08 12.50 6.87
C ILE A 486 14.10 13.79 6.01
N ALA A 487 12.96 14.43 5.89
CA ALA A 487 12.82 15.59 5.08
C ALA A 487 12.85 16.95 5.77
N LEU A 488 12.59 17.00 7.07
CA LEU A 488 12.61 18.26 7.80
C LEU A 488 11.69 19.32 7.22
N GLU A 489 12.22 20.52 7.02
CA GLU A 489 11.42 21.63 6.55
C GLU A 489 10.71 21.36 5.24
N HIS A 490 11.31 20.52 4.42
CA HIS A 490 10.79 20.25 3.08
C HIS A 490 9.71 19.17 3.04
N ARG A 491 9.19 18.79 4.21
CA ARG A 491 8.27 17.65 4.35
C ARG A 491 6.99 17.71 3.50
N ASP A 492 6.54 18.91 3.10
CA ASP A 492 5.38 19.00 2.23
C ASP A 492 5.69 18.43 0.84
N GLN A 493 6.96 18.40 0.48
CA GLN A 493 7.41 17.79 -0.77
C GLN A 493 7.39 16.26 -0.70
N VAL A 494 7.34 15.68 0.50
CA VAL A 494 7.19 14.24 0.64
C VAL A 494 5.72 13.91 0.43
N LEU A 495 5.45 13.14 -0.62
CA LEU A 495 4.07 12.76 -0.94
C LEU A 495 3.61 11.61 -0.07
N GLY A 496 4.59 10.89 0.48
CA GLY A 496 4.31 9.77 1.35
C GLY A 496 5.38 8.71 1.24
N GLY A 497 4.94 7.46 1.31
CA GLY A 497 5.86 6.33 1.25
C GLY A 497 5.19 5.07 0.75
N GLU A 498 6.00 4.03 0.59
CA GLU A 498 5.56 2.79 -0.04
C GLU A 498 6.40 1.62 0.43
N ALA A 499 5.72 0.60 0.95
CA ALA A 499 6.38 -0.65 1.28
C ALA A 499 6.59 -1.42 -0.03
N ALA A 500 7.81 -1.85 -0.27
CA ALA A 500 8.14 -2.54 -1.52
C ALA A 500 8.25 -4.05 -1.31
N LEU A 501 7.38 -4.80 -1.96
CA LEU A 501 7.51 -6.25 -1.99
C LEU A 501 8.05 -6.72 -3.34
N TRP A 502 9.37 -6.79 -3.45
CA TRP A 502 10.02 -7.41 -4.59
C TRP A 502 9.81 -8.92 -4.51
N SER A 503 9.71 -9.57 -5.66
CA SER A 503 9.16 -10.93 -5.65
C SER A 503 10.07 -12.02 -6.17
N GLU A 504 11.38 -11.81 -6.10
CA GLU A 504 12.26 -12.93 -6.46
C GLU A 504 12.05 -14.11 -5.52
N GLN A 505 11.56 -13.83 -4.32
CA GLN A 505 11.31 -14.83 -3.29
C GLN A 505 9.95 -14.64 -2.63
N SER A 506 8.96 -14.20 -3.42
CA SER A 506 7.60 -14.08 -2.93
C SER A 506 6.61 -14.29 -4.07
N ASP A 507 5.51 -14.95 -3.78
CA ASP A 507 4.45 -15.13 -4.77
C ASP A 507 3.10 -15.23 -4.06
N THR A 508 2.08 -15.72 -4.76
CA THR A 508 0.73 -15.92 -4.20
C THR A 508 0.76 -16.48 -2.77
N SER A 509 1.63 -17.45 -2.52
CA SER A 509 1.61 -18.19 -1.25
C SER A 509 2.15 -17.41 -0.06
N THR A 510 3.00 -16.42 -0.31
CA THR A 510 3.73 -15.72 0.73
C THR A 510 3.32 -14.26 0.89
N LEU A 511 2.44 -13.87 0.03
CA LEU A 511 2.08 -12.51 -0.01
C LEU A 511 1.45 -11.95 1.26
N ASP A 512 0.56 -12.69 1.88
CA ASP A 512 -0.06 -12.21 3.10
C ASP A 512 0.95 -11.97 4.26
N GLY A 513 1.83 -12.92 4.45
CA GLY A 513 2.86 -12.82 5.44
C GLY A 513 3.86 -11.74 5.20
N ARG A 514 4.26 -11.58 3.95
CA ARG A 514 5.22 -10.53 3.57
C ARG A 514 4.71 -9.14 3.92
N LEU A 515 3.44 -8.88 3.62
CA LEU A 515 2.87 -7.55 3.74
C LEU A 515 2.27 -7.23 5.10
N TRP A 516 1.73 -8.23 5.77
CA TRP A 516 0.92 -8.03 6.97
C TRP A 516 1.48 -8.78 8.16
N PRO A 517 1.53 -8.12 9.33
CA PRO A 517 1.00 -6.79 9.61
C PRO A 517 1.96 -5.60 9.40
N ARG A 518 3.15 -5.86 8.87
CA ARG A 518 4.18 -4.81 8.74
C ARG A 518 3.74 -3.56 7.98
N ALA A 519 2.97 -3.75 6.91
CA ALA A 519 2.46 -2.61 6.13
C ALA A 519 1.46 -1.75 6.89
N ALA A 520 0.89 -2.29 7.95
CA ALA A 520 0.11 -1.54 8.90
C ALA A 520 0.95 -0.50 9.65
N ALA A 521 2.18 -0.83 9.97
CA ALA A 521 3.06 0.13 10.61
C ALA A 521 3.28 1.33 9.71
N LEU A 522 3.50 1.07 8.44
CA LEU A 522 3.63 2.13 7.45
C LEU A 522 2.33 2.89 7.37
N ALA A 523 1.24 2.17 7.39
CA ALA A 523 -0.08 2.79 7.33
C ALA A 523 -0.26 3.85 8.40
N GLU A 524 0.10 3.53 9.65
CA GLU A 524 -0.05 4.49 10.75
C GLU A 524 0.95 5.64 10.61
N ARG A 525 2.21 5.30 10.39
CA ARG A 525 3.26 6.29 10.16
C ARG A 525 2.85 7.34 9.13
N LEU A 526 2.28 6.89 8.01
CA LEU A 526 1.91 7.81 6.94
C LEU A 526 0.57 8.53 7.19
N TRP A 527 -0.34 7.88 7.88
CA TRP A 527 -1.63 8.51 8.19
C TRP A 527 -1.50 9.55 9.30
N ALA A 528 -0.70 9.24 10.31
CA ALA A 528 -0.59 10.06 11.49
C ALA A 528 0.73 10.71 11.79
N GLU A 529 1.82 10.18 11.28
CA GLU A 529 3.12 10.73 11.59
C GLU A 529 3.26 11.01 13.08
N PRO A 530 3.01 10.06 13.94
CA PRO A 530 3.07 10.29 15.38
C PRO A 530 4.44 10.61 15.86
N ALA A 531 4.54 11.43 16.91
CA ALA A 531 5.81 11.79 17.52
C ALA A 531 6.30 10.68 18.43
N THR A 532 5.36 9.84 18.88
CA THR A 532 5.66 8.66 19.69
C THR A 532 6.28 7.55 18.83
N SER A 533 6.91 6.60 19.50
CA SER A 533 7.59 5.49 18.83
C SER A 533 6.75 4.22 18.83
N TRP A 534 7.37 3.11 18.41
CA TRP A 534 6.66 1.87 18.20
C TRP A 534 6.05 1.27 19.46
N GLN A 535 6.76 1.39 20.59
CA GLN A 535 6.30 0.80 21.85
C GLN A 535 4.98 1.38 22.34
N ASP A 536 4.67 2.61 21.91
CA ASP A 536 3.40 3.24 22.24
C ASP A 536 2.27 2.75 21.33
N ALA A 537 2.64 2.09 20.23
CA ALA A 537 1.67 1.52 19.30
C ALA A 537 1.56 0.00 19.42
N GLU A 538 2.49 -0.60 20.15
CA GLU A 538 2.61 -2.05 20.31
C GLU A 538 1.29 -2.78 20.55
N TYR A 539 0.56 -2.40 21.60
CA TYR A 539 -0.68 -3.10 21.96
C TYR A 539 -1.70 -3.08 20.83
N ARG A 540 -1.88 -1.91 20.21
CA ARG A 540 -2.81 -1.75 19.09
C ARG A 540 -2.30 -2.50 17.84
N MET A 541 -0.98 -2.57 17.70
CA MET A 541 -0.41 -3.32 16.58
C MET A 541 -0.77 -4.80 16.73
N LEU A 542 -0.65 -5.32 17.95
CA LEU A 542 -1.02 -6.70 18.22
C LEU A 542 -2.49 -6.97 17.92
N HIS A 543 -3.35 -5.98 18.18
CA HIS A 543 -4.78 -6.14 17.84
C HIS A 543 -5.04 -6.10 16.34
N ILE A 544 -4.41 -5.17 15.63
CA ILE A 544 -4.62 -5.09 14.17
C ILE A 544 -4.20 -6.40 13.48
N ARG A 545 -3.12 -7.03 13.94
CA ARG A 545 -2.73 -8.35 13.44
C ARG A 545 -3.87 -9.36 13.58
N GLU A 546 -4.45 -9.44 14.77
CA GLU A 546 -5.57 -10.36 15.00
C GLU A 546 -6.74 -10.05 14.08
N ARG A 547 -6.94 -8.76 13.80
CA ARG A 547 -8.01 -8.31 12.91
C ARG A 547 -7.80 -8.78 11.46
N LEU A 548 -6.57 -8.65 10.97
CA LEU A 548 -6.23 -9.15 9.64
C LEU A 548 -6.48 -10.67 9.55
N VAL A 549 -6.08 -11.42 10.57
CA VAL A 549 -6.31 -12.87 10.62
C VAL A 549 -7.81 -13.19 10.55
N ARG A 550 -8.61 -12.44 11.30
CA ARG A 550 -10.08 -12.56 11.21
C ARG A 550 -10.60 -12.34 9.78
N MET A 551 -9.94 -11.44 9.03
CA MET A 551 -10.30 -11.20 7.63
C MET A 551 -9.94 -12.35 6.68
N GLY A 552 -9.14 -13.29 7.16
CA GLY A 552 -8.68 -14.39 6.33
C GLY A 552 -7.30 -14.12 5.76
N ILE A 553 -6.65 -13.06 6.25
CA ILE A 553 -5.27 -12.76 5.93
C ILE A 553 -4.34 -13.65 6.76
N GLN A 554 -3.42 -14.34 6.10
CA GLN A 554 -2.44 -15.15 6.80
C GLN A 554 -1.28 -14.26 7.26
N ALA A 555 -1.58 -13.34 8.18
CA ALA A 555 -0.61 -12.38 8.64
C ALA A 555 0.49 -13.05 9.43
N GLU A 556 1.69 -12.48 9.34
CA GLU A 556 2.79 -12.86 10.23
C GLU A 556 2.36 -12.79 11.70
N SER A 557 3.01 -13.61 12.52
CA SER A 557 2.83 -13.57 13.96
C SER A 557 3.93 -12.71 14.57
N LEU A 558 3.54 -11.80 15.46
CA LEU A 558 4.51 -10.88 16.08
C LEU A 558 5.02 -11.36 17.43
N GLN A 559 4.11 -11.90 18.24
CA GLN A 559 4.37 -12.23 19.64
C GLN A 559 3.45 -13.36 20.07
N PRO A 560 3.78 -14.05 21.17
CA PRO A 560 2.84 -15.02 21.71
C PRO A 560 1.52 -14.34 22.03
N GLU A 561 0.40 -15.04 21.80
CA GLU A 561 -0.90 -14.51 22.14
C GLU A 561 -0.96 -14.20 23.65
N TRP A 562 -0.20 -14.97 24.44
CA TRP A 562 -0.07 -14.71 25.86
C TRP A 562 0.31 -13.25 26.13
N CYS A 563 1.15 -12.66 25.28
CA CYS A 563 1.59 -11.27 25.47
C CYS A 563 0.44 -10.29 25.25
N TYR A 564 -0.41 -10.61 24.27
CA TYR A 564 -1.60 -9.83 23.94
C TYR A 564 -2.61 -9.85 25.10
N GLN A 565 -2.71 -11.00 25.76
CA GLN A 565 -3.61 -11.20 26.90
C GLN A 565 -3.03 -10.69 28.21
N ASN A 566 -1.74 -10.37 28.21
CA ASN A 566 -1.03 -10.00 29.44
C ASN A 566 -0.11 -8.82 29.23
N GLU A 567 -0.70 -7.70 28.81
CA GLU A 567 0.04 -6.47 28.54
C GLU A 567 1.02 -6.09 29.64
N GLY A 568 2.26 -5.81 29.24
CA GLY A 568 3.27 -5.34 30.18
C GLY A 568 4.28 -6.38 30.62
N TYR A 569 3.92 -7.66 30.51
CA TYR A 569 4.84 -8.71 30.93
C TYR A 569 5.87 -9.08 29.88
N CYS A 570 5.59 -8.79 28.62
CA CYS A 570 6.55 -9.04 27.53
C CYS A 570 7.20 -7.72 27.12
N TYR A 571 8.45 -7.52 27.53
CA TYR A 571 9.16 -6.25 27.28
C TYR A 571 10.68 -6.45 27.27
N SER A 572 11.40 -5.50 26.70
CA SER A 572 12.87 -5.47 26.73
C SER A 572 13.41 -4.08 26.42
#